data_7IAT
#
_entry.id   7IAT
#
_cell.length_a   60.540
_cell.length_b   60.540
_cell.length_c   214.730
_cell.angle_alpha   90.00
_cell.angle_beta   90.00
_cell.angle_gamma   90.00
#
_symmetry.space_group_name_H-M   'P 43 21 2'
#
loop_
_entity.id
_entity.type
_entity.pdbx_description
1 polymer 'NS2B co-factor'
2 polymer 'NS3 protease'
3 non-polymer 2,3-dihydro-1H-1lambda~6~,2-benzothiazole-1,1-dione
4 water water
#
loop_
_entity_poly.entity_id
_entity_poly.type
_entity_poly.pdbx_seq_one_letter_code
_entity_poly.pdbx_strand_id
1 'polypeptide(L)' MTGKSVDMYIERAGDITWEKDAEVTGNSPRLDVALDESGDFSLVEEDGPPMRE A,C
2 'polypeptide(L)'
;GALWDVPAPKEVKKGETTDGVYRVMTRRLLGSTQVGVGVMQEGVFHTMWHVTKGAALRSGEGRLDPYWGDVKQDLVSYCG
PWKLDAAWDGLSEVQLLAVPPGERAKNIQTLPGIFKTKDGDIGAVALDYPAGTSGSPILDKSGRVIGLYGNGVVIKNGSY
VSAITQGKREEETPVE
;
B,D
#
# COMPACT_ATOMS: atom_id res chain seq x y z
N VAL A 6 -23.87 2.61 -4.54
CA VAL A 6 -22.44 2.80 -4.31
C VAL A 6 -22.01 4.18 -4.77
N ASP A 7 -21.60 5.01 -3.81
CA ASP A 7 -21.16 6.37 -4.08
C ASP A 7 -19.68 6.32 -4.45
N MET A 8 -19.37 6.55 -5.73
CA MET A 8 -17.99 6.65 -6.20
C MET A 8 -17.71 8.13 -6.47
N TYR A 9 -16.62 8.63 -5.89
CA TYR A 9 -16.33 10.07 -5.90
C TYR A 9 -14.83 10.29 -6.00
N ILE A 10 -14.44 11.52 -6.35
CA ILE A 10 -13.03 11.87 -6.57
C ILE A 10 -12.61 13.01 -5.65
N GLU A 11 -11.33 12.97 -5.28
CA GLU A 11 -10.69 13.95 -4.42
C GLU A 11 -9.32 14.31 -4.98
N ARG A 12 -9.04 15.61 -5.10
CA ARG A 12 -7.77 16.05 -5.66
C ARG A 12 -6.62 15.66 -4.72
N ALA A 13 -5.55 15.12 -5.29
CA ALA A 13 -4.39 14.70 -4.53
C ALA A 13 -3.08 15.41 -4.90
N GLY A 14 -3.05 16.14 -6.00
CA GLY A 14 -1.84 16.91 -6.28
C GLY A 14 -1.82 17.43 -7.70
N ASP A 15 -0.79 18.22 -7.96
CA ASP A 15 -0.47 18.67 -9.30
C ASP A 15 0.23 17.53 -10.05
N ILE A 16 0.20 17.62 -11.38
CA ILE A 16 0.95 16.69 -12.22
C ILE A 16 2.26 17.38 -12.56
N THR A 17 3.33 16.98 -11.87
N THR A 17 3.32 16.99 -11.86
CA THR A 17 4.63 17.62 -12.04
CA THR A 17 4.62 17.59 -12.05
C THR A 17 5.73 16.58 -11.89
C THR A 17 5.70 16.52 -11.96
N TRP A 18 6.77 16.74 -12.70
CA TRP A 18 8.02 15.99 -12.52
C TRP A 18 8.72 16.49 -11.27
N GLU A 19 9.31 15.57 -10.50
CA GLU A 19 10.01 15.93 -9.27
C GLU A 19 11.48 15.54 -9.39
N LYS A 20 12.37 16.52 -9.20
CA LYS A 20 13.80 16.31 -9.40
C LYS A 20 14.39 15.32 -8.41
N ASP A 21 13.86 15.26 -7.18
CA ASP A 21 14.43 14.43 -6.12
C ASP A 21 13.64 13.15 -5.88
N ALA A 22 12.96 12.65 -6.91
CA ALA A 22 12.20 11.41 -6.76
C ALA A 22 13.13 10.23 -6.53
N GLU A 23 12.66 9.27 -5.73
CA GLU A 23 13.36 7.99 -5.64
C GLU A 23 13.36 7.32 -7.01
N VAL A 24 14.38 6.52 -7.26
CA VAL A 24 14.54 5.84 -8.54
C VAL A 24 14.63 4.35 -8.24
N THR A 25 13.85 3.54 -8.96
CA THR A 25 13.86 2.11 -8.71
C THR A 25 13.21 1.40 -9.88
N GLY A 26 13.39 0.09 -9.92
CA GLY A 26 12.71 -0.74 -10.89
C GLY A 26 13.59 -1.08 -12.07
N ASN A 27 13.40 -2.28 -12.61
N ASN A 27 13.32 -2.26 -12.66
CA ASN A 27 14.17 -2.71 -13.75
CA ASN A 27 14.05 -2.78 -13.79
C ASN A 27 13.34 -2.50 -15.03
C ASN A 27 13.40 -2.31 -15.10
N SER A 28 13.91 -2.91 -16.16
N SER A 28 13.86 -2.83 -16.23
CA SER A 28 13.38 -2.57 -17.48
CA SER A 28 13.30 -2.52 -17.55
C SER A 28 13.26 -3.83 -18.33
C SER A 28 13.23 -3.80 -18.37
N PRO A 29 12.34 -4.72 -17.99
CA PRO A 29 12.24 -6.00 -18.70
C PRO A 29 11.66 -5.83 -20.10
N ARG A 30 12.11 -6.70 -21.00
CA ARG A 30 11.60 -6.77 -22.36
C ARG A 30 10.80 -8.07 -22.47
N LEU A 31 9.51 -7.93 -22.72
CA LEU A 31 8.56 -9.03 -22.62
C LEU A 31 7.75 -9.13 -23.91
N ASP A 32 7.57 -10.36 -24.39
CA ASP A 32 6.63 -10.65 -25.45
C ASP A 32 5.26 -10.88 -24.83
N VAL A 33 4.26 -10.08 -25.22
CA VAL A 33 2.93 -10.18 -24.65
C VAL A 33 1.89 -10.13 -25.75
N ALA A 34 0.70 -10.62 -25.42
CA ALA A 34 -0.47 -10.52 -26.27
C ALA A 34 -1.58 -9.84 -25.49
N LEU A 35 -2.41 -9.07 -26.19
CA LEU A 35 -3.51 -8.32 -25.59
C LEU A 35 -4.79 -8.88 -26.17
N ASP A 36 -5.66 -9.40 -25.32
CA ASP A 36 -6.87 -10.04 -25.80
C ASP A 36 -8.04 -9.06 -25.74
N GLU A 37 -9.20 -9.55 -26.17
CA GLU A 37 -10.35 -8.68 -26.39
C GLU A 37 -10.83 -8.07 -25.08
N SER A 38 -10.57 -8.74 -23.96
CA SER A 38 -10.99 -8.27 -22.64
C SER A 38 -10.01 -7.28 -22.02
N GLY A 39 -9.03 -6.84 -22.79
CA GLY A 39 -8.05 -5.92 -22.27
C GLY A 39 -6.97 -6.56 -21.42
N ASP A 40 -6.88 -7.88 -21.43
CA ASP A 40 -5.94 -8.60 -20.58
C ASP A 40 -4.65 -8.90 -21.36
N PHE A 41 -3.52 -8.48 -20.78
CA PHE A 41 -2.22 -8.85 -21.30
C PHE A 41 -1.84 -10.24 -20.82
N SER A 42 -1.22 -11.03 -21.68
CA SER A 42 -0.67 -12.33 -21.31
C SER A 42 0.71 -12.48 -21.93
N LEU A 43 1.54 -13.27 -21.28
CA LEU A 43 2.86 -13.57 -21.83
C LEU A 43 2.74 -14.52 -23.00
N VAL A 44 3.64 -14.34 -23.97
CA VAL A 44 3.72 -15.19 -25.15
C VAL A 44 5.15 -15.72 -25.28
N GLU A 45 5.25 -16.96 -25.75
CA GLU A 45 6.56 -17.54 -26.08
C GLU A 45 6.62 -17.93 -27.55
N THR B 17 -12.79 20.44 -10.92
CA THR B 17 -12.50 20.60 -12.35
C THR B 17 -11.03 20.96 -12.55
N THR B 18 -10.36 21.31 -11.46
CA THR B 18 -8.96 21.73 -11.53
C THR B 18 -8.09 20.63 -12.11
N ASP B 19 -7.14 21.02 -12.96
CA ASP B 19 -6.14 20.07 -13.43
C ASP B 19 -5.46 19.41 -12.25
N GLY B 20 -5.19 18.12 -12.35
CA GLY B 20 -4.38 17.47 -11.35
C GLY B 20 -4.63 15.98 -11.33
N VAL B 21 -4.02 15.34 -10.36
CA VAL B 21 -4.22 13.92 -10.11
C VAL B 21 -5.21 13.79 -8.94
N TYR B 22 -6.12 12.82 -9.06
CA TYR B 22 -7.22 12.63 -8.12
C TYR B 22 -7.31 11.18 -7.66
N ARG B 23 -7.69 10.99 -6.39
CA ARG B 23 -8.12 9.67 -5.91
C ARG B 23 -9.55 9.37 -6.36
N VAL B 24 -9.79 8.10 -6.70
CA VAL B 24 -11.13 7.59 -6.96
C VAL B 24 -11.53 6.74 -5.77
N MET B 25 -12.58 7.17 -5.08
CA MET B 25 -13.02 6.57 -3.83
C MET B 25 -14.41 6.00 -3.99
N THR B 26 -14.74 5.04 -3.13
CA THR B 26 -16.06 4.47 -3.08
C THR B 26 -16.51 4.35 -1.62
N ARG B 27 -17.82 4.49 -1.42
CA ARG B 27 -18.47 4.19 -0.15
C ARG B 27 -19.52 3.10 -0.38
N GLY B 31 -17.75 3.12 5.53
CA GLY B 31 -16.40 3.59 5.34
C GLY B 31 -16.01 3.74 3.87
N SER B 32 -14.95 4.51 3.61
CA SER B 32 -14.49 4.76 2.26
C SER B 32 -13.23 3.95 1.96
N THR B 33 -13.08 3.59 0.70
CA THR B 33 -11.94 2.82 0.19
C THR B 33 -11.49 3.50 -1.09
N GLN B 34 -10.18 3.53 -1.32
CA GLN B 34 -9.65 4.05 -2.58
C GLN B 34 -9.57 2.92 -3.59
N VAL B 35 -10.28 3.06 -4.71
CA VAL B 35 -10.27 2.03 -5.74
C VAL B 35 -9.36 2.38 -6.92
N GLY B 36 -8.95 3.63 -7.04
CA GLY B 36 -8.03 4.00 -8.09
C GLY B 36 -7.67 5.47 -8.06
N VAL B 37 -7.20 5.93 -9.22
CA VAL B 37 -6.61 7.26 -9.40
C VAL B 37 -6.97 7.70 -10.80
N GLY B 38 -6.99 9.01 -11.03
CA GLY B 38 -7.16 9.49 -12.39
C GLY B 38 -6.61 10.88 -12.57
N VAL B 39 -6.69 11.37 -13.80
CA VAL B 39 -6.08 12.62 -14.23
C VAL B 39 -7.17 13.54 -14.76
N MET B 40 -7.24 14.75 -14.19
CA MET B 40 -8.06 15.82 -14.75
C MET B 40 -7.17 16.69 -15.64
N GLN B 41 -7.57 16.85 -16.89
CA GLN B 41 -6.85 17.74 -17.79
C GLN B 41 -7.86 18.28 -18.81
N GLU B 42 -7.82 19.59 -19.00
CA GLU B 42 -8.69 20.26 -19.98
C GLU B 42 -10.15 19.92 -19.74
N GLY B 43 -10.53 19.86 -18.47
CA GLY B 43 -11.91 19.64 -18.09
C GLY B 43 -12.41 18.23 -18.27
N VAL B 44 -11.51 17.28 -18.51
CA VAL B 44 -11.85 15.88 -18.74
C VAL B 44 -11.13 15.03 -17.71
N PHE B 45 -11.85 14.08 -17.13
CA PHE B 45 -11.27 13.14 -16.18
C PHE B 45 -10.95 11.83 -16.89
N HIS B 46 -9.72 11.36 -16.69
CA HIS B 46 -9.17 10.20 -17.37
C HIS B 46 -8.82 9.16 -16.32
N THR B 47 -9.30 7.93 -16.48
CA THR B 47 -8.88 6.84 -15.59
C THR B 47 -8.96 5.53 -16.36
N MET B 48 -8.74 4.42 -15.67
CA MET B 48 -8.75 3.12 -16.30
C MET B 48 -10.14 2.52 -16.16
N TRP B 49 -10.61 1.86 -17.22
CA TRP B 49 -11.97 1.32 -17.22
C TRP B 49 -12.19 0.42 -16.02
N HIS B 50 -11.21 -0.43 -15.68
CA HIS B 50 -11.40 -1.40 -14.61
C HIS B 50 -11.53 -0.74 -13.24
N VAL B 51 -11.16 0.53 -13.12
CA VAL B 51 -11.30 1.24 -11.85
C VAL B 51 -12.77 1.58 -11.59
N THR B 52 -13.45 2.13 -12.60
CA THR B 52 -14.82 2.60 -12.42
C THR B 52 -15.87 1.73 -13.11
N LYS B 53 -15.47 0.87 -14.06
CA LYS B 53 -16.41 0.11 -14.88
C LYS B 53 -17.43 1.03 -15.55
N GLY B 54 -17.05 2.30 -15.73
CA GLY B 54 -17.88 3.26 -16.43
C GLY B 54 -18.93 3.93 -15.59
N ALA B 55 -18.90 3.75 -14.28
CA ALA B 55 -19.89 4.36 -13.41
C ALA B 55 -19.71 5.87 -13.36
N ALA B 56 -20.83 6.57 -13.15
CA ALA B 56 -20.75 8.00 -12.92
C ALA B 56 -19.94 8.28 -11.66
N LEU B 57 -19.31 9.44 -11.63
CA LEU B 57 -18.48 9.87 -10.50
C LEU B 57 -19.03 11.15 -9.90
N ARG B 58 -18.94 11.25 -8.58
CA ARG B 58 -19.26 12.49 -7.89
C ARG B 58 -17.98 13.29 -7.66
N SER B 59 -18.10 14.61 -7.82
CA SER B 59 -17.00 15.54 -7.55
C SER B 59 -17.61 16.69 -6.75
N GLY B 60 -17.54 16.59 -5.42
CA GLY B 60 -18.20 17.58 -4.60
C GLY B 60 -19.70 17.47 -4.79
N GLU B 61 -20.34 18.58 -5.09
CA GLU B 61 -21.76 18.60 -5.39
C GLU B 61 -22.07 18.30 -6.84
N GLY B 62 -21.05 18.08 -7.68
CA GLY B 62 -21.25 17.84 -9.09
C GLY B 62 -21.16 16.37 -9.46
N ARG B 63 -21.60 16.06 -10.67
CA ARG B 63 -21.59 14.70 -11.20
C ARG B 63 -20.82 14.68 -12.51
N LEU B 64 -19.98 13.65 -12.66
CA LEU B 64 -19.20 13.43 -13.88
C LEU B 64 -19.74 12.18 -14.56
N ASP B 65 -20.17 12.32 -15.83
CA ASP B 65 -20.70 11.18 -16.57
C ASP B 65 -19.67 10.68 -17.58
N PRO B 66 -19.67 9.37 -17.84
CA PRO B 66 -18.71 8.83 -18.82
C PRO B 66 -19.04 9.34 -20.21
N TYR B 67 -17.99 9.57 -20.98
CA TYR B 67 -18.10 10.13 -22.32
C TYR B 67 -17.55 9.19 -23.39
N TRP B 68 -16.44 8.53 -23.11
CA TRP B 68 -15.81 7.58 -24.00
C TRP B 68 -15.20 6.48 -23.14
N GLY B 69 -15.30 5.24 -23.60
CA GLY B 69 -14.64 4.15 -22.88
C GLY B 69 -14.37 2.99 -23.81
N ASP B 70 -13.37 2.19 -23.44
CA ASP B 70 -12.96 1.04 -24.26
C ASP B 70 -12.32 0.00 -23.35
N VAL B 71 -12.97 -1.16 -23.26
CA VAL B 71 -12.50 -2.23 -22.38
C VAL B 71 -11.14 -2.77 -22.83
N LYS B 72 -10.92 -2.87 -24.14
CA LYS B 72 -9.64 -3.45 -24.58
C LYS B 72 -8.47 -2.54 -24.24
N GLN B 73 -8.65 -1.22 -24.40
CA GLN B 73 -7.62 -0.28 -23.98
C GLN B 73 -7.59 -0.12 -22.47
N ASP B 74 -8.67 -0.53 -21.80
CA ASP B 74 -8.85 -0.36 -20.36
C ASP B 74 -8.81 1.11 -19.94
N LEU B 75 -9.50 1.96 -20.72
CA LEU B 75 -9.52 3.39 -20.49
C LEU B 75 -10.94 3.94 -20.54
N VAL B 76 -11.14 5.06 -19.85
CA VAL B 76 -12.41 5.76 -19.84
C VAL B 76 -12.15 7.23 -19.58
N SER B 77 -12.93 8.09 -20.25
CA SER B 77 -12.91 9.52 -20.02
C SER B 77 -14.30 10.00 -19.64
N TYR B 78 -14.33 11.05 -18.82
CA TYR B 78 -15.53 11.69 -18.32
C TYR B 78 -15.56 13.14 -18.74
N CYS B 79 -16.74 13.61 -19.15
CA CYS B 79 -17.08 14.98 -19.48
C CYS B 79 -16.63 15.39 -20.87
N GLY B 80 -15.81 14.61 -21.54
CA GLY B 80 -15.35 14.94 -22.86
C GLY B 80 -14.43 13.86 -23.35
N PRO B 81 -13.89 14.05 -24.55
CA PRO B 81 -13.02 13.04 -25.14
C PRO B 81 -11.65 12.99 -24.48
N TRP B 82 -10.99 11.85 -24.66
CA TRP B 82 -9.64 11.64 -24.15
C TRP B 82 -8.70 12.72 -24.67
N LYS B 83 -7.97 13.36 -23.74
CA LYS B 83 -7.12 14.50 -24.06
C LYS B 83 -5.63 14.22 -24.02
N LEU B 84 -5.22 13.11 -23.41
CA LEU B 84 -3.80 12.85 -23.17
C LEU B 84 -3.20 12.16 -24.40
N ASP B 85 -2.13 12.75 -24.95
CA ASP B 85 -1.57 12.21 -26.18
C ASP B 85 -0.05 12.06 -26.20
N ALA B 86 0.66 12.51 -25.17
CA ALA B 86 2.11 12.31 -25.16
C ALA B 86 2.46 10.84 -25.08
N ALA B 87 3.64 10.49 -25.60
CA ALA B 87 4.10 9.10 -25.65
C ALA B 87 5.53 8.99 -25.17
N TRP B 88 5.84 7.85 -24.55
CA TRP B 88 7.22 7.55 -24.17
C TRP B 88 8.13 7.63 -25.39
N ASP B 89 9.30 8.24 -25.21
CA ASP B 89 10.26 8.39 -26.30
C ASP B 89 11.11 7.14 -26.52
N GLY B 90 10.94 6.11 -25.71
CA GLY B 90 11.65 4.87 -25.88
C GLY B 90 13.06 4.82 -25.33
N LEU B 91 13.56 5.92 -24.74
CA LEU B 91 14.94 5.97 -24.31
C LEU B 91 15.12 6.51 -22.90
N SER B 92 14.22 7.38 -22.50
CA SER B 92 14.38 8.21 -21.31
C SER B 92 13.65 7.62 -20.12
N GLU B 93 14.15 7.96 -18.93
CA GLU B 93 13.44 7.61 -17.71
C GLU B 93 12.15 8.42 -17.62
N VAL B 94 11.20 7.85 -16.89
CA VAL B 94 9.88 8.43 -16.69
C VAL B 94 9.63 8.45 -15.19
N GLN B 95 8.52 9.07 -14.79
CA GLN B 95 8.11 9.08 -13.40
C GLN B 95 6.68 8.61 -13.27
N LEU B 96 6.48 7.61 -12.41
CA LEU B 96 5.15 7.26 -11.95
C LEU B 96 4.75 8.22 -10.84
N LEU B 97 3.70 8.99 -11.06
CA LEU B 97 3.12 9.84 -10.02
C LEU B 97 2.10 8.99 -9.28
N ALA B 98 2.62 8.18 -8.35
CA ALA B 98 1.80 7.23 -7.62
C ALA B 98 1.00 7.94 -6.55
N VAL B 99 -0.28 7.61 -6.45
CA VAL B 99 -1.12 8.12 -5.37
C VAL B 99 -1.69 6.90 -4.64
N PRO B 100 -0.90 6.26 -3.79
CA PRO B 100 -1.37 5.06 -3.11
C PRO B 100 -2.41 5.39 -2.07
N PRO B 101 -3.28 4.45 -1.74
CA PRO B 101 -4.25 4.68 -0.66
C PRO B 101 -3.56 5.07 0.65
N GLY B 102 -4.08 6.12 1.28
CA GLY B 102 -3.56 6.56 2.56
C GLY B 102 -2.24 7.28 2.51
N GLU B 103 -1.72 7.60 1.34
CA GLU B 103 -0.40 8.19 1.21
C GLU B 103 -0.44 9.40 0.29
N ARG B 104 0.43 10.36 0.57
CA ARG B 104 0.55 11.53 -0.27
C ARG B 104 1.07 11.14 -1.65
N ALA B 105 0.63 11.88 -2.66
CA ALA B 105 1.15 11.69 -4.02
C ALA B 105 2.66 11.75 -3.99
N LYS B 106 3.31 10.83 -4.70
CA LYS B 106 4.75 10.72 -4.69
C LYS B 106 5.24 10.28 -6.06
N ASN B 107 6.45 10.71 -6.41
CA ASN B 107 7.01 10.45 -7.72
C ASN B 107 8.07 9.36 -7.63
N ILE B 108 7.95 8.34 -8.48
CA ILE B 108 8.85 7.21 -8.55
C ILE B 108 9.44 7.21 -9.97
N GLN B 109 10.75 7.42 -10.07
CA GLN B 109 11.42 7.47 -11.37
C GLN B 109 11.93 6.10 -11.77
N THR B 110 11.85 5.79 -13.07
CA THR B 110 12.24 4.47 -13.56
C THR B 110 12.53 4.56 -15.06
N LEU B 111 13.36 3.64 -15.54
CA LEU B 111 13.49 3.41 -16.97
C LEU B 111 12.51 2.32 -17.39
N PRO B 112 11.51 2.61 -18.24
CA PRO B 112 10.59 1.56 -18.69
C PRO B 112 11.31 0.43 -19.42
N GLY B 113 10.78 -0.77 -19.27
CA GLY B 113 11.01 -1.85 -20.21
C GLY B 113 10.02 -1.75 -21.36
N ILE B 114 9.80 -2.87 -22.04
CA ILE B 114 8.99 -2.88 -23.26
C ILE B 114 8.08 -4.11 -23.25
N PHE B 115 6.80 -3.89 -23.57
CA PHE B 115 5.92 -4.95 -24.02
C PHE B 115 6.02 -5.03 -25.54
N LYS B 116 6.51 -6.16 -26.05
CA LYS B 116 6.56 -6.39 -27.49
C LYS B 116 5.30 -7.14 -27.90
N THR B 117 4.49 -6.54 -28.77
CA THR B 117 3.25 -7.16 -29.22
C THR B 117 3.24 -7.23 -30.74
N LYS B 118 2.29 -8.01 -31.26
CA LYS B 118 2.13 -8.15 -32.70
C LYS B 118 1.80 -6.83 -33.37
N ASP B 119 1.30 -5.86 -32.61
CA ASP B 119 0.91 -4.56 -33.15
C ASP B 119 1.86 -3.44 -32.77
N GLY B 120 3.05 -3.77 -32.26
CA GLY B 120 4.05 -2.78 -31.91
C GLY B 120 4.41 -2.84 -30.44
N ASP B 121 5.38 -2.01 -30.09
CA ASP B 121 5.93 -1.99 -28.73
C ASP B 121 5.23 -0.94 -27.88
N ILE B 122 5.11 -1.26 -26.59
CA ILE B 122 4.50 -0.40 -25.58
C ILE B 122 5.46 -0.30 -24.41
N GLY B 123 5.69 0.91 -23.91
CA GLY B 123 6.49 1.05 -22.71
C GLY B 123 5.81 0.35 -21.55
N ALA B 124 6.62 -0.11 -20.59
CA ALA B 124 6.10 -0.81 -19.43
C ALA B 124 6.98 -0.55 -18.23
N VAL B 125 6.36 -0.39 -17.05
CA VAL B 125 7.11 -0.07 -15.84
C VAL B 125 6.99 -1.22 -14.84
N ALA B 126 8.15 -1.65 -14.33
CA ALA B 126 8.24 -2.80 -13.44
C ALA B 126 8.17 -2.35 -11.99
N LEU B 127 7.01 -1.76 -11.68
CA LEU B 127 6.72 -1.17 -10.39
C LEU B 127 5.43 -1.78 -9.89
N ASP B 128 5.39 -2.14 -8.61
CA ASP B 128 4.32 -2.94 -8.03
C ASP B 128 3.77 -2.22 -6.81
N TYR B 129 2.73 -1.41 -7.03
CA TYR B 129 2.08 -0.64 -5.98
C TYR B 129 0.68 -1.17 -5.71
N PRO B 130 0.07 -0.78 -4.59
CA PRO B 130 -1.26 -1.31 -4.25
C PRO B 130 -2.29 -1.06 -5.35
N ALA B 131 -3.28 -1.95 -5.43
CA ALA B 131 -4.25 -1.90 -6.54
C ALA B 131 -4.97 -0.56 -6.63
N GLY B 132 -5.23 0.09 -5.50
CA GLY B 132 -5.88 1.37 -5.50
C GLY B 132 -5.08 2.49 -6.14
N THR B 133 -3.85 2.16 -6.55
CA THR B 133 -3.00 3.08 -7.31
C THR B 133 -3.29 3.04 -8.81
N SER B 134 -4.12 2.10 -9.27
CA SER B 134 -4.45 2.00 -10.69
C SER B 134 -5.04 3.31 -11.20
N GLY B 135 -4.56 3.77 -12.36
CA GLY B 135 -4.95 5.05 -12.91
C GLY B 135 -3.95 6.15 -12.64
N SER B 136 -2.94 5.88 -11.83
CA SER B 136 -1.93 6.89 -11.56
C SER B 136 -1.20 7.24 -12.86
N PRO B 137 -0.89 8.51 -13.09
CA PRO B 137 -0.25 8.89 -14.34
C PRO B 137 1.24 8.63 -14.33
N ILE B 138 1.74 8.32 -15.53
CA ILE B 138 3.16 8.19 -15.81
C ILE B 138 3.56 9.39 -16.65
N LEU B 139 4.66 10.05 -16.28
CA LEU B 139 5.02 11.34 -16.81
C LEU B 139 6.36 11.30 -17.53
N ASP B 140 6.49 12.09 -18.59
CA ASP B 140 7.80 12.31 -19.18
C ASP B 140 8.47 13.51 -18.50
N LYS B 141 9.69 13.82 -18.95
CA LYS B 141 10.50 14.84 -18.28
C LYS B 141 9.88 16.23 -18.35
N SER B 142 9.01 16.49 -19.32
CA SER B 142 8.36 17.79 -19.42
C SER B 142 7.09 17.87 -18.59
N GLY B 143 6.75 16.81 -17.86
CA GLY B 143 5.55 16.77 -17.06
C GLY B 143 4.29 16.34 -17.79
N ARG B 144 4.41 15.91 -19.04
CA ARG B 144 3.24 15.46 -19.79
C ARG B 144 2.89 14.02 -19.43
N VAL B 145 1.59 13.72 -19.40
CA VAL B 145 1.15 12.36 -19.06
C VAL B 145 1.29 11.50 -20.31
N ILE B 146 2.16 10.48 -20.24
CA ILE B 146 2.39 9.57 -21.34
C ILE B 146 1.56 8.29 -21.22
N GLY B 147 0.80 8.15 -20.15
CA GLY B 147 -0.08 7.00 -19.99
C GLY B 147 -0.45 6.82 -18.54
N LEU B 148 -1.27 5.80 -18.30
CA LEU B 148 -1.73 5.47 -16.95
C LEU B 148 -1.24 4.10 -16.53
N TYR B 149 -1.03 3.97 -15.21
CA TYR B 149 -0.52 2.77 -14.56
C TYR B 149 -1.65 1.86 -14.10
N GLY B 150 -1.49 0.56 -14.36
CA GLY B 150 -2.40 -0.38 -13.73
C GLY B 150 -3.00 -1.48 -14.58
N ASN B 151 -2.61 -1.61 -15.83
CA ASN B 151 -2.95 -2.79 -16.63
C ASN B 151 -1.65 -3.43 -17.11
N GLY B 152 -1.45 -4.70 -16.76
CA GLY B 152 -0.18 -5.35 -17.01
C GLY B 152 -0.18 -6.85 -16.92
N VAL B 153 1.00 -7.41 -16.62
CA VAL B 153 1.21 -8.85 -16.52
C VAL B 153 2.12 -9.13 -15.33
N VAL B 154 2.20 -10.40 -14.96
CA VAL B 154 3.11 -10.87 -13.92
C VAL B 154 4.20 -11.74 -14.53
N ILE B 155 5.44 -11.53 -14.07
CA ILE B 155 6.57 -12.35 -14.49
C ILE B 155 7.16 -13.14 -13.31
N SER B 159 6.51 -10.84 -9.98
CA SER B 159 6.54 -9.39 -10.00
C SER B 159 5.66 -8.79 -11.10
N TYR B 160 4.93 -7.75 -10.74
CA TYR B 160 4.02 -7.11 -11.67
C TYR B 160 4.76 -6.11 -12.55
N VAL B 161 4.34 -6.03 -13.81
CA VAL B 161 4.84 -5.05 -14.76
C VAL B 161 3.64 -4.41 -15.45
N SER B 162 3.52 -3.09 -15.35
CA SER B 162 2.41 -2.34 -15.91
C SER B 162 2.75 -1.81 -17.30
N ALA B 163 1.82 -2.00 -18.24
CA ALA B 163 1.91 -1.23 -19.46
C ALA B 163 1.83 0.26 -19.14
N ILE B 164 2.45 1.09 -19.97
CA ILE B 164 2.16 2.52 -20.01
C ILE B 164 0.99 2.68 -20.98
N THR B 165 -0.22 2.75 -20.44
CA THR B 165 -1.43 2.73 -21.26
C THR B 165 -1.83 4.15 -21.62
N GLN B 166 -1.79 4.48 -22.91
CA GLN B 166 -2.18 5.79 -23.42
C GLN B 166 -3.32 5.62 -24.42
N GLY B 167 -4.22 6.61 -24.41
CA GLY B 167 -5.36 6.62 -25.30
C GLY B 167 -5.06 7.38 -26.58
N LYS B 168 -6.13 7.69 -27.31
CA LYS B 168 -6.03 8.41 -28.57
C LYS B 168 -6.77 9.75 -28.46
N ARG B 169 -6.08 10.82 -28.84
CA ARG B 169 -6.69 12.14 -28.95
C ARG B 169 -6.82 12.55 -30.40
N VAL C 6 1.12 12.81 26.97
CA VAL C 6 2.15 13.53 26.23
C VAL C 6 1.67 13.79 24.79
N ASP C 7 2.53 13.53 23.79
CA ASP C 7 2.19 13.89 22.42
C ASP C 7 1.27 12.88 21.73
N MET C 8 1.10 11.68 22.29
CA MET C 8 0.44 10.59 21.58
C MET C 8 -0.67 9.99 22.44
N TYR C 9 -1.68 9.44 21.76
CA TYR C 9 -2.82 8.83 22.44
C TYR C 9 -3.32 7.66 21.60
N ILE C 10 -4.08 6.77 22.23
CA ILE C 10 -4.60 5.59 21.57
C ILE C 10 -6.12 5.65 21.53
N GLU C 11 -6.71 5.14 20.44
CA GLU C 11 -8.15 5.04 20.33
C GLU C 11 -8.52 3.72 19.69
N ARG C 12 -9.60 3.13 20.18
CA ARG C 12 -10.00 1.80 19.75
C ARG C 12 -10.30 1.76 18.26
N ALA C 13 -9.87 0.67 17.62
CA ALA C 13 -10.15 0.43 16.22
C ALA C 13 -10.89 -0.87 15.93
N GLY C 14 -11.00 -1.78 16.89
CA GLY C 14 -11.77 -2.99 16.66
C GLY C 14 -11.40 -4.10 17.60
N ASP C 15 -12.18 -5.18 17.50
CA ASP C 15 -11.86 -6.44 18.14
C ASP C 15 -10.80 -7.16 17.31
N ILE C 16 -10.13 -8.14 17.93
CA ILE C 16 -9.12 -8.93 17.24
C ILE C 16 -9.72 -10.31 16.97
N THR C 17 -10.05 -10.59 15.71
CA THR C 17 -10.63 -11.86 15.34
C THR C 17 -10.20 -12.23 13.92
N TRP C 18 -10.15 -13.54 13.68
CA TRP C 18 -10.00 -14.08 12.34
C TRP C 18 -11.31 -13.90 11.60
N GLU C 19 -11.24 -13.55 10.32
CA GLU C 19 -12.44 -13.37 9.49
C GLU C 19 -12.48 -14.48 8.45
N LYS C 20 -13.52 -15.30 8.49
CA LYS C 20 -13.57 -16.47 7.61
C LYS C 20 -13.65 -16.09 6.14
N ASP C 21 -14.32 -14.99 5.80
CA ASP C 21 -14.50 -14.63 4.39
C ASP C 21 -13.55 -13.53 3.98
N ALA C 22 -12.29 -13.66 4.38
CA ALA C 22 -11.26 -12.69 4.05
C ALA C 22 -10.68 -12.97 2.68
N GLU C 23 -10.33 -11.90 1.97
CA GLU C 23 -9.61 -12.04 0.72
C GLU C 23 -8.21 -12.59 1.01
N VAL C 24 -7.76 -13.50 0.16
CA VAL C 24 -6.40 -14.02 0.17
C VAL C 24 -5.62 -13.32 -0.92
N THR C 25 -4.43 -12.82 -0.57
CA THR C 25 -3.61 -12.11 -1.53
C THR C 25 -2.16 -12.11 -1.05
N GLY C 26 -1.28 -11.64 -1.92
CA GLY C 26 0.12 -11.57 -1.60
C GLY C 26 0.86 -12.83 -2.03
N ASN C 27 2.16 -12.65 -2.32
CA ASN C 27 3.03 -13.77 -2.61
C ASN C 27 3.76 -14.17 -1.31
N SER C 28 4.72 -15.08 -1.44
CA SER C 28 5.41 -15.69 -0.30
C SER C 28 6.91 -15.69 -0.57
N PRO C 29 7.52 -14.51 -0.58
CA PRO C 29 8.93 -14.43 -0.99
C PRO C 29 9.87 -15.03 0.05
N ARG C 30 10.96 -15.60 -0.44
CA ARG C 30 12.06 -16.09 0.41
C ARG C 30 13.24 -15.15 0.15
N LEU C 31 13.50 -14.27 1.11
CA LEU C 31 14.46 -13.18 0.95
C LEU C 31 15.58 -13.29 1.97
N ASP C 32 16.82 -13.13 1.52
CA ASP C 32 17.95 -13.00 2.43
C ASP C 32 18.05 -11.56 2.89
N VAL C 33 18.01 -11.35 4.22
CA VAL C 33 18.04 -10.03 4.80
C VAL C 33 19.04 -9.99 5.94
N ALA C 34 19.41 -8.77 6.34
CA ALA C 34 20.23 -8.53 7.51
C ALA C 34 19.48 -7.60 8.45
N LEU C 35 19.62 -7.83 9.74
CA LEU C 35 19.03 -7.01 10.79
C LEU C 35 20.16 -6.29 11.52
N ASP C 36 20.20 -4.97 11.44
CA ASP C 36 21.29 -4.25 12.06
C ASP C 36 20.94 -3.88 13.50
N GLU C 37 21.95 -3.40 14.23
CA GLU C 37 21.76 -3.13 15.66
C GLU C 37 20.67 -2.10 15.92
N SER C 38 20.32 -1.30 14.91
CA SER C 38 19.26 -0.32 15.05
C SER C 38 17.86 -0.91 14.84
N GLY C 39 17.77 -2.21 14.57
CA GLY C 39 16.48 -2.82 14.31
C GLY C 39 15.97 -2.63 12.90
N ASP C 40 16.83 -2.29 11.97
CA ASP C 40 16.44 -2.09 10.57
C ASP C 40 16.85 -3.30 9.74
N PHE C 41 15.91 -3.78 8.92
CA PHE C 41 16.17 -4.83 7.95
C PHE C 41 16.70 -4.22 6.65
N SER C 42 17.60 -4.96 6.00
CA SER C 42 18.06 -4.61 4.66
C SER C 42 18.18 -5.88 3.83
N LEU C 43 18.11 -5.73 2.50
CA LEU C 43 18.33 -6.84 1.61
C LEU C 43 19.82 -7.12 1.48
N VAL C 44 20.18 -8.39 1.43
CA VAL C 44 21.58 -8.78 1.26
C VAL C 44 21.94 -8.71 -0.22
N GLU C 45 23.18 -8.30 -0.50
CA GLU C 45 23.69 -8.28 -1.87
C GLU C 45 24.51 -9.53 -2.15
N LYS D 13 -17.13 -4.16 35.56
CA LYS D 13 -16.90 -5.31 36.44
C LYS D 13 -15.42 -5.48 36.74
N LYS D 14 -15.10 -5.99 37.92
CA LYS D 14 -13.71 -6.20 38.30
C LYS D 14 -13.11 -7.26 37.38
N GLY D 15 -12.01 -6.91 36.73
CA GLY D 15 -11.33 -7.78 35.80
C GLY D 15 -11.61 -7.51 34.34
N GLU D 16 -12.50 -6.56 34.03
CA GLU D 16 -12.90 -6.30 32.65
C GLU D 16 -11.90 -5.36 31.98
N THR D 17 -10.99 -5.91 31.18
CA THR D 17 -9.99 -5.14 30.46
C THR D 17 -10.39 -4.97 29.00
N THR D 18 -9.92 -3.86 28.40
CA THR D 18 -10.41 -3.40 27.10
C THR D 18 -9.52 -3.88 25.95
N ASP D 19 -9.52 -5.21 25.80
CA ASP D 19 -8.78 -5.86 24.72
C ASP D 19 -9.22 -5.35 23.36
N GLY D 20 -8.30 -5.32 22.41
CA GLY D 20 -8.62 -4.97 21.05
C GLY D 20 -7.42 -4.36 20.35
N VAL D 21 -7.66 -3.89 19.13
CA VAL D 21 -6.64 -3.20 18.34
C VAL D 21 -6.94 -1.71 18.41
N TYR D 22 -5.88 -0.91 18.52
CA TYR D 22 -5.97 0.53 18.75
C TYR D 22 -5.11 1.27 17.74
N ARG D 23 -5.57 2.44 17.32
CA ARG D 23 -4.73 3.37 16.57
C ARG D 23 -3.88 4.18 17.53
N VAL D 24 -2.64 4.46 17.13
CA VAL D 24 -1.74 5.37 17.85
C VAL D 24 -1.73 6.68 17.09
N MET D 25 -2.20 7.74 17.75
CA MET D 25 -2.49 9.03 17.14
C MET D 25 -1.61 10.11 17.74
N THR D 26 -1.25 11.11 16.93
CA THR D 26 -0.70 12.34 17.48
C THR D 26 -1.84 13.28 17.87
N ARG D 27 -1.57 14.19 18.77
CA ARG D 27 -2.64 15.08 19.21
C ARG D 27 -2.82 16.23 18.21
N ARG D 28 -3.86 17.03 18.43
CA ARG D 28 -4.30 18.02 17.46
C ARG D 28 -3.17 18.95 17.01
N LEU D 29 -2.11 19.09 17.80
CA LEU D 29 -1.04 20.02 17.47
C LEU D 29 -0.26 19.59 16.23
N LEU D 30 -0.25 18.28 15.94
CA LEU D 30 0.59 17.72 14.88
C LEU D 30 -0.22 17.25 13.68
N GLY D 31 -1.50 17.60 13.60
CA GLY D 31 -2.36 17.16 12.52
C GLY D 31 -3.28 16.02 12.88
N SER D 32 -3.18 15.48 14.09
CA SER D 32 -3.94 14.31 14.50
C SER D 32 -3.72 13.18 13.49
N THR D 33 -2.46 12.83 13.32
CA THR D 33 -2.05 11.81 12.38
C THR D 33 -2.01 10.45 13.07
N GLN D 34 -2.33 9.41 12.31
CA GLN D 34 -2.12 8.05 12.79
C GLN D 34 -0.68 7.67 12.50
N VAL D 35 0.13 7.47 13.56
CA VAL D 35 1.52 7.07 13.37
C VAL D 35 1.72 5.57 13.54
N GLY D 36 0.74 4.85 14.08
CA GLY D 36 0.86 3.42 14.18
C GLY D 36 -0.39 2.82 14.79
N VAL D 37 -0.21 1.58 15.26
CA VAL D 37 -1.28 0.71 15.70
C VAL D 37 -0.71 -0.14 16.82
N GLY D 38 -1.58 -0.67 17.68
CA GLY D 38 -1.11 -1.61 18.68
C GLY D 38 -2.23 -2.50 19.18
N VAL D 39 -1.84 -3.46 20.01
CA VAL D 39 -2.70 -4.50 20.53
C VAL D 39 -2.81 -4.35 22.03
N MET D 40 -4.03 -4.20 22.54
CA MET D 40 -4.31 -4.26 23.97
C MET D 40 -4.73 -5.68 24.29
N GLN D 41 -3.96 -6.37 25.13
CA GLN D 41 -4.29 -7.73 25.51
C GLN D 41 -3.85 -7.95 26.95
N GLU D 42 -4.75 -8.46 27.78
CA GLU D 42 -4.42 -8.80 29.16
C GLU D 42 -3.84 -7.59 29.91
N GLY D 43 -4.41 -6.42 29.63
CA GLY D 43 -4.03 -5.21 30.33
C GLY D 43 -2.74 -4.58 29.87
N VAL D 44 -2.15 -5.07 28.78
CA VAL D 44 -0.86 -4.59 28.28
C VAL D 44 -1.05 -4.09 26.85
N PHE D 45 -0.48 -2.93 26.55
CA PHE D 45 -0.47 -2.40 25.18
C PHE D 45 0.85 -2.76 24.50
N HIS D 46 0.72 -3.36 23.31
CA HIS D 46 1.85 -3.88 22.55
C HIS D 46 1.94 -3.11 21.23
N THR D 47 3.10 -2.53 20.93
CA THR D 47 3.29 -1.88 19.63
C THR D 47 4.75 -2.01 19.24
N MET D 48 5.12 -1.39 18.11
CA MET D 48 6.50 -1.41 17.63
C MET D 48 7.24 -0.18 18.13
N TRP D 49 8.51 -0.38 18.49
N TRP D 49 8.52 -0.37 18.48
CA TRP D 49 9.29 0.70 19.06
CA TRP D 49 9.27 0.74 19.09
C TRP D 49 9.29 1.93 18.17
C TRP D 49 9.35 1.95 18.17
N HIS D 50 9.47 1.74 16.87
CA HIS D 50 9.59 2.87 15.95
C HIS D 50 8.31 3.70 15.85
N VAL D 51 7.18 3.18 16.33
CA VAL D 51 5.95 3.97 16.34
C VAL D 51 6.00 5.04 17.44
N THR D 52 6.29 4.64 18.68
CA THR D 52 6.25 5.55 19.82
C THR D 52 7.63 5.98 20.33
N LYS D 53 8.68 5.25 19.97
CA LYS D 53 10.03 5.48 20.50
C LYS D 53 10.05 5.40 22.02
N GLY D 54 9.12 4.64 22.60
CA GLY D 54 9.06 4.47 24.04
C GLY D 54 8.38 5.58 24.80
N ALA D 55 7.79 6.55 24.10
CA ALA D 55 7.14 7.67 24.75
C ALA D 55 5.86 7.21 25.45
N ALA D 56 5.45 7.97 26.47
CA ALA D 56 4.21 7.69 27.17
C ALA D 56 3.01 7.95 26.25
N LEU D 57 1.91 7.26 26.54
CA LEU D 57 0.70 7.34 25.74
C LEU D 57 -0.48 7.74 26.61
N ARG D 58 -1.38 8.54 26.05
CA ARG D 58 -2.63 8.86 26.71
C ARG D 58 -3.70 7.86 26.29
N SER D 59 -4.48 7.41 27.27
CA SER D 59 -5.59 6.47 27.04
C SER D 59 -6.81 7.04 27.78
N GLY D 60 -7.66 7.74 27.06
CA GLY D 60 -8.69 8.51 27.73
C GLY D 60 -8.03 9.49 28.68
N GLU D 61 -8.37 9.38 29.96
CA GLU D 61 -7.80 10.23 30.99
C GLU D 61 -6.63 9.60 31.73
N GLY D 62 -6.25 8.37 31.36
CA GLY D 62 -5.11 7.71 31.96
C GLY D 62 -3.87 7.83 31.09
N ARG D 63 -2.72 7.55 31.70
CA ARG D 63 -1.44 7.52 31.00
C ARG D 63 -0.89 6.10 31.01
N LEU D 64 -0.31 5.69 29.89
CA LEU D 64 0.32 4.38 29.74
C LEU D 64 1.82 4.59 29.68
N ASP D 65 2.56 3.94 30.58
CA ASP D 65 4.01 4.06 30.61
C ASP D 65 4.68 2.80 30.08
N PRO D 66 5.82 2.94 29.41
CA PRO D 66 6.51 1.76 28.89
C PRO D 66 6.97 0.88 30.03
N TYR D 67 6.98 -0.41 29.76
CA TYR D 67 7.36 -1.43 30.72
C TYR D 67 8.52 -2.27 30.24
N TRP D 68 8.53 -2.64 28.98
CA TRP D 68 9.61 -3.39 28.37
C TRP D 68 9.78 -2.88 26.95
N GLY D 69 11.01 -2.81 26.47
CA GLY D 69 11.21 -2.48 25.08
C GLY D 69 12.58 -2.91 24.61
N ASP D 70 12.71 -3.06 23.30
CA ASP D 70 13.95 -3.51 22.68
C ASP D 70 14.03 -2.95 21.26
N VAL D 71 15.02 -2.09 21.02
CA VAL D 71 15.15 -1.40 19.75
C VAL D 71 15.42 -2.38 18.62
N LYS D 72 16.25 -3.39 18.87
CA LYS D 72 16.61 -4.29 17.79
C LYS D 72 15.41 -5.15 17.37
N GLN D 73 14.63 -5.63 18.34
CA GLN D 73 13.41 -6.34 18.01
C GLN D 73 12.33 -5.41 17.48
N ASP D 74 12.46 -4.11 17.74
CA ASP D 74 11.52 -3.07 17.35
C ASP D 74 10.16 -3.27 18.02
N LEU D 75 10.18 -3.58 19.32
CA LEU D 75 8.97 -3.83 20.08
C LEU D 75 8.99 -3.10 21.41
N VAL D 76 7.80 -2.80 21.91
CA VAL D 76 7.63 -2.17 23.22
C VAL D 76 6.28 -2.58 23.79
N SER D 77 6.25 -2.81 25.10
CA SER D 77 5.01 -3.03 25.82
C SER D 77 4.84 -1.95 26.88
N TYR D 78 3.57 -1.67 27.16
CA TYR D 78 3.13 -0.68 28.13
C TYR D 78 2.25 -1.33 29.18
N CYS D 79 2.44 -0.95 30.43
CA CYS D 79 1.63 -1.31 31.59
C CYS D 79 1.98 -2.67 32.15
N GLY D 80 2.76 -3.48 31.45
CA GLY D 80 3.10 -4.80 31.91
C GLY D 80 3.95 -5.50 30.87
N PRO D 81 4.31 -6.74 31.15
CA PRO D 81 5.21 -7.47 30.25
C PRO D 81 4.51 -7.90 28.97
N TRP D 82 5.32 -8.12 27.94
CA TRP D 82 4.82 -8.62 26.66
C TRP D 82 4.03 -9.91 26.86
N LYS D 83 2.79 -9.94 26.32
CA LYS D 83 1.87 -11.04 26.56
C LYS D 83 1.70 -11.98 25.38
N LEU D 84 2.11 -11.56 24.18
CA LEU D 84 1.77 -12.28 22.97
C LEU D 84 2.88 -13.29 22.67
N ASP D 85 2.52 -14.56 22.65
CA ASP D 85 3.56 -15.54 22.37
C ASP D 85 3.15 -16.63 21.39
N ALA D 86 2.02 -16.50 20.70
CA ALA D 86 1.74 -17.44 19.63
C ALA D 86 2.76 -17.24 18.50
N ALA D 87 3.06 -18.33 17.81
CA ALA D 87 4.05 -18.30 16.74
C ALA D 87 3.43 -18.82 15.44
N TRP D 88 3.84 -18.22 14.32
CA TRP D 88 3.50 -18.78 13.02
C TRP D 88 3.99 -20.22 12.98
N ASP D 89 3.12 -21.12 12.54
CA ASP D 89 3.47 -22.54 12.47
C ASP D 89 4.31 -22.87 11.25
N GLY D 90 4.65 -21.89 10.42
CA GLY D 90 5.48 -22.11 9.26
C GLY D 90 4.81 -22.78 8.08
N LEU D 91 3.49 -22.99 8.17
CA LEU D 91 2.80 -23.88 7.23
C LEU D 91 1.47 -23.28 6.79
N SER D 92 0.79 -22.58 7.68
CA SER D 92 -0.57 -22.15 7.45
C SER D 92 -0.65 -20.69 7.03
N GLU D 93 -1.71 -20.37 6.31
CA GLU D 93 -2.01 -18.98 6.01
C GLU D 93 -2.33 -18.23 7.30
N VAL D 94 -2.11 -16.92 7.27
CA VAL D 94 -2.33 -16.03 8.41
C VAL D 94 -3.19 -14.88 7.91
N GLN D 95 -3.62 -14.03 8.83
CA GLN D 95 -4.35 -12.82 8.49
C GLN D 95 -3.70 -11.60 9.12
N LEU D 96 -3.41 -10.60 8.30
CA LEU D 96 -3.10 -9.26 8.78
C LEU D 96 -4.41 -8.56 9.11
N LEU D 97 -4.56 -8.13 10.36
CA LEU D 97 -5.68 -7.28 10.75
C LEU D 97 -5.16 -5.85 10.56
N ALA D 98 -5.24 -5.39 9.31
CA ALA D 98 -4.68 -4.10 8.94
C ALA D 98 -5.56 -2.98 9.46
N VAL D 99 -4.94 -2.00 10.11
CA VAL D 99 -5.67 -0.82 10.58
C VAL D 99 -5.03 0.38 9.90
N PRO D 100 -5.36 0.66 8.64
CA PRO D 100 -4.71 1.74 7.94
C PRO D 100 -5.26 3.09 8.37
N PRO D 101 -4.42 4.12 8.37
CA PRO D 101 -4.94 5.46 8.68
C PRO D 101 -6.15 5.82 7.84
N GLY D 102 -7.18 6.34 8.51
CA GLY D 102 -8.36 6.81 7.81
C GLY D 102 -9.25 5.73 7.27
N GLU D 103 -9.01 4.47 7.61
CA GLU D 103 -9.81 3.37 7.10
C GLU D 103 -10.18 2.40 8.21
N ARG D 104 -11.33 1.76 8.05
CA ARG D 104 -11.78 0.74 8.97
C ARG D 104 -10.82 -0.45 8.97
N ALA D 105 -10.67 -1.07 10.13
CA ALA D 105 -9.87 -2.28 10.23
C ALA D 105 -10.40 -3.36 9.29
N LYS D 106 -9.49 -4.08 8.64
CA LYS D 106 -9.87 -5.12 7.69
C LYS D 106 -8.88 -6.27 7.77
N ASN D 107 -9.38 -7.47 7.50
CA ASN D 107 -8.57 -8.68 7.54
C ASN D 107 -8.10 -9.06 6.14
N ILE D 108 -6.80 -9.29 5.99
CA ILE D 108 -6.20 -9.72 4.73
C ILE D 108 -5.48 -11.04 4.97
N GLN D 109 -5.87 -12.07 4.24
CA GLN D 109 -5.29 -13.40 4.40
C GLN D 109 -4.15 -13.60 3.42
N THR D 110 -3.09 -14.27 3.88
CA THR D 110 -1.92 -14.46 3.04
C THR D 110 -1.13 -15.65 3.55
N LEU D 111 -0.34 -16.26 2.66
CA LEU D 111 0.68 -17.20 3.07
C LEU D 111 2.02 -16.49 3.22
N PRO D 112 2.60 -16.43 4.41
CA PRO D 112 3.87 -15.73 4.56
C PRO D 112 4.98 -16.34 3.72
N GLY D 113 5.89 -15.47 3.29
CA GLY D 113 7.21 -15.88 2.89
C GLY D 113 8.14 -15.94 4.08
N ILE D 114 9.43 -15.80 3.81
CA ILE D 114 10.46 -16.04 4.80
C ILE D 114 11.55 -14.97 4.67
N PHE D 115 11.91 -14.36 5.80
CA PHE D 115 13.14 -13.59 5.91
C PHE D 115 14.23 -14.56 6.37
N LYS D 116 15.28 -14.73 5.57
CA LYS D 116 16.39 -15.61 5.90
C LYS D 116 17.54 -14.74 6.40
N THR D 117 17.97 -14.97 7.64
CA THR D 117 19.04 -14.21 8.26
C THR D 117 20.14 -15.14 8.74
N LYS D 118 21.26 -14.55 9.14
CA LYS D 118 22.35 -15.36 9.67
C LYS D 118 21.98 -16.06 10.96
N ASP D 119 20.90 -15.62 11.62
CA ASP D 119 20.49 -16.16 12.91
C ASP D 119 19.20 -16.97 12.83
N GLY D 120 18.77 -17.33 11.64
CA GLY D 120 17.59 -18.14 11.46
C GLY D 120 16.53 -17.43 10.62
N ASP D 121 15.42 -18.14 10.44
CA ASP D 121 14.36 -17.71 9.54
C ASP D 121 13.19 -17.13 10.32
N ILE D 122 12.55 -16.13 9.72
CA ILE D 122 11.42 -15.41 10.28
C ILE D 122 10.34 -15.36 9.20
N GLY D 123 9.10 -15.64 9.58
CA GLY D 123 8.00 -15.41 8.65
C GLY D 123 7.90 -13.95 8.26
N ALA D 124 7.39 -13.70 7.06
CA ALA D 124 7.29 -12.35 6.51
C ALA D 124 6.08 -12.29 5.59
N VAL D 125 5.34 -11.17 5.63
CA VAL D 125 4.14 -11.01 4.82
C VAL D 125 4.36 -9.93 3.75
N ALA D 126 4.03 -10.29 2.51
CA ALA D 126 4.18 -9.41 1.35
C ALA D 126 2.87 -8.66 1.14
N LEU D 127 2.59 -7.76 2.09
CA LEU D 127 1.40 -6.91 2.09
C LEU D 127 1.89 -5.49 2.30
N ASP D 128 1.39 -4.56 1.48
CA ASP D 128 1.90 -3.20 1.39
C ASP D 128 0.85 -2.21 1.86
N TYR D 129 1.05 -1.65 3.05
CA TYR D 129 0.21 -0.65 3.66
C TYR D 129 1.04 0.55 4.11
N PRO D 130 0.40 1.71 4.30
CA PRO D 130 1.16 2.89 4.72
C PRO D 130 1.84 2.69 6.07
N ALA D 131 2.87 3.50 6.29
CA ALA D 131 3.70 3.38 7.49
C ALA D 131 2.89 3.44 8.77
N GLY D 132 1.83 4.25 8.80
CA GLY D 132 1.01 4.37 9.99
C GLY D 132 0.19 3.14 10.33
N THR D 133 0.26 2.10 9.49
CA THR D 133 -0.31 0.80 9.77
C THR D 133 0.61 -0.04 10.66
N SER D 134 1.84 0.40 10.86
CA SER D 134 2.79 -0.31 11.71
C SER D 134 2.21 -0.60 13.08
N GLY D 135 2.39 -1.84 13.51
CA GLY D 135 1.84 -2.32 14.77
C GLY D 135 0.57 -3.11 14.63
N SER D 136 0.01 -3.16 13.42
CA SER D 136 -1.19 -3.95 13.20
C SER D 136 -0.88 -5.41 13.46
N PRO D 137 -1.78 -6.16 14.08
CA PRO D 137 -1.49 -7.55 14.42
C PRO D 137 -1.68 -8.52 13.25
N ILE D 138 -0.85 -9.56 13.27
CA ILE D 138 -0.94 -10.70 12.37
C ILE D 138 -1.44 -11.88 13.19
N LEU D 139 -2.41 -12.61 12.65
CA LEU D 139 -3.19 -13.58 13.40
C LEU D 139 -3.07 -14.98 12.82
N ASP D 140 -3.15 -15.97 13.69
CA ASP D 140 -3.36 -17.35 13.25
C ASP D 140 -4.86 -17.67 13.23
N LYS D 141 -5.20 -18.90 12.81
CA LYS D 141 -6.61 -19.25 12.60
C LYS D 141 -7.40 -19.26 13.89
N SER D 142 -6.74 -19.42 15.04
CA SER D 142 -7.37 -19.32 16.35
C SER D 142 -7.67 -17.89 16.75
N GLY D 143 -7.21 -16.91 15.96
CA GLY D 143 -7.35 -15.52 16.35
C GLY D 143 -6.26 -15.01 17.26
N ARG D 144 -5.23 -15.80 17.51
CA ARG D 144 -4.12 -15.36 18.34
C ARG D 144 -3.15 -14.50 17.55
N VAL D 145 -2.54 -13.54 18.23
CA VAL D 145 -1.59 -12.63 17.59
C VAL D 145 -0.23 -13.32 17.54
N ILE D 146 0.23 -13.62 16.31
CA ILE D 146 1.52 -14.26 16.11
C ILE D 146 2.63 -13.26 15.83
N GLY D 147 2.31 -11.98 15.76
CA GLY D 147 3.30 -10.93 15.63
C GLY D 147 2.67 -9.63 15.17
N LEU D 148 3.51 -8.61 15.05
CA LEU D 148 3.08 -7.30 14.57
C LEU D 148 3.72 -6.98 13.23
N TYR D 149 2.96 -6.25 12.42
CA TYR D 149 3.32 -5.81 11.08
C TYR D 149 4.00 -4.44 11.11
N GLY D 150 5.07 -4.29 10.33
CA GLY D 150 5.60 -2.96 10.13
C GLY D 150 7.10 -2.75 10.25
N ASN D 151 7.87 -3.80 10.48
CA ASN D 151 9.33 -3.75 10.37
C ASN D 151 9.74 -4.69 9.25
N GLY D 152 10.30 -4.13 8.18
CA GLY D 152 10.55 -4.90 6.99
C GLY D 152 11.46 -4.22 6.00
N VAL D 153 11.27 -4.52 4.71
CA VAL D 153 12.11 -4.02 3.64
C VAL D 153 11.26 -3.63 2.43
N VAL D 154 11.75 -2.64 1.69
CA VAL D 154 11.22 -2.31 0.38
C VAL D 154 12.04 -3.05 -0.66
N ILE D 155 11.36 -3.76 -1.56
CA ILE D 155 12.08 -4.53 -2.57
C ILE D 155 12.15 -3.74 -3.87
N LYS D 156 12.77 -4.33 -4.89
CA LYS D 156 13.24 -3.54 -6.03
C LYS D 156 12.05 -2.99 -6.83
N ASN D 157 10.92 -3.70 -6.87
CA ASN D 157 9.78 -3.21 -7.64
C ASN D 157 8.95 -2.17 -6.89
N GLY D 158 9.42 -1.74 -5.71
CA GLY D 158 8.77 -0.69 -4.96
C GLY D 158 7.83 -1.17 -3.88
N SER D 159 7.50 -2.46 -3.86
CA SER D 159 6.59 -2.98 -2.85
C SER D 159 7.32 -3.25 -1.53
N TYR D 160 6.54 -3.62 -0.53
CA TYR D 160 7.01 -3.75 0.85
C TYR D 160 6.72 -5.15 1.36
N VAL D 161 7.67 -5.68 2.13
CA VAL D 161 7.52 -6.97 2.80
C VAL D 161 7.87 -6.79 4.27
N SER D 162 6.96 -7.22 5.15
CA SER D 162 7.11 -7.07 6.59
C SER D 162 7.49 -8.38 7.26
N ALA D 163 8.45 -8.32 8.18
CA ALA D 163 8.64 -9.44 9.10
C ALA D 163 7.37 -9.64 9.92
N ILE D 164 7.14 -10.88 10.36
CA ILE D 164 6.19 -11.15 11.43
C ILE D 164 7.00 -11.02 12.73
N THR D 165 6.90 -9.87 13.38
CA THR D 165 7.74 -9.57 14.54
C THR D 165 6.99 -9.95 15.80
N GLN D 166 7.55 -10.91 16.56
CA GLN D 166 6.93 -11.38 17.79
C GLN D 166 7.91 -11.26 18.95
N GLY D 167 7.37 -10.93 20.13
CA GLY D 167 8.15 -10.86 21.34
C GLY D 167 8.12 -12.16 22.12
N LYS D 168 8.64 -12.09 23.33
CA LYS D 168 8.70 -13.24 24.22
C LYS D 168 7.82 -12.98 25.43
N ARG D 169 7.04 -13.98 25.82
CA ARG D 169 6.28 -13.97 27.06
C ARG D 169 7.12 -14.71 28.10
N GLU D 170 7.61 -13.98 29.10
CA GLU D 170 8.53 -14.55 30.08
C GLU D 170 7.81 -15.41 31.10
#